data_6B7I
#
_entry.id   6B7I
#
_cell.length_a   99.960
_cell.length_b   99.960
_cell.length_c   99.960
_cell.angle_alpha   90.00
_cell.angle_beta   90.00
_cell.angle_gamma   90.00
#
_symmetry.space_group_name_H-M   'P 21 3'
#
loop_
_entity.id
_entity.type
_entity.pdbx_description
1 polymer 'Purine nucleoside phosphorylase'
2 non-polymer 'DIMETHYL SULFOXIDE'
3 non-polymer '(2S)-(3,5-difluorophenyl)(hydroxy)acetic acid'
4 water water
#
_entity_poly.entity_id   1
_entity_poly.type   'polypeptide(L)'
_entity_poly.pdbx_seq_one_letter_code
;MTTPVVANYENASMAADYIKRVSNVLPDIGII(CME)GSGLGKLIEEIEERKVIPYINIPNFPKTTVAGHVGNLVLGSVG
GRKIVAMQGRLHMYEGYSNQEIALPIRVMKLLGVRVLLITNLAGGINRKLKSGDFVLIKGHINFPGLGLNNVLVGPNQDE
FGPRFPDLSNAYDRLLQQLALKIAQENDFQDLVHEGVYAFNGGPTYESPDESNMLLKLGCDVVGMSTVPEVIIACHCGIK
VLAVSLIANNSILDAENDVSINHEKVLAVAEKRADLLQMWFKEIITRLPLD
;
_entity_poly.pdbx_strand_id   A
#
loop_
_chem_comp.id
_chem_comp.type
_chem_comp.name
_chem_comp.formula
CXJ non-polymer '(2S)-(3,5-difluorophenyl)(hydroxy)acetic acid' 'C8 H6 F2 O3'
DMS non-polymer 'DIMETHYL SULFOXIDE' 'C2 H6 O S'
#
# COMPACT_ATOMS: atom_id res chain seq x y z
N VAL A 5 3.13 -20.66 -8.94
CA VAL A 5 4.54 -20.33 -8.73
C VAL A 5 4.71 -19.83 -7.27
N VAL A 6 5.64 -20.46 -6.53
CA VAL A 6 5.90 -20.10 -5.14
C VAL A 6 6.77 -18.86 -5.08
N ALA A 7 6.54 -18.00 -4.07
CA ALA A 7 7.33 -16.78 -3.88
C ALA A 7 8.62 -17.08 -3.09
N ASN A 8 9.44 -17.95 -3.69
CA ASN A 8 10.70 -18.39 -3.09
C ASN A 8 11.91 -17.63 -3.65
N TYR A 9 13.08 -17.91 -3.05
CA TYR A 9 14.32 -17.21 -3.39
C TYR A 9 14.67 -17.38 -4.87
N GLU A 10 14.61 -18.62 -5.39
CA GLU A 10 14.97 -18.90 -6.77
C GLU A 10 14.06 -18.16 -7.75
N ASN A 11 12.74 -18.20 -7.51
CA ASN A 11 11.80 -17.59 -8.45
C ASN A 11 11.90 -16.06 -8.44
N ALA A 12 12.01 -15.47 -7.24
CA ALA A 12 12.21 -14.03 -7.12
C ALA A 12 13.53 -13.60 -7.77
N SER A 13 14.57 -14.43 -7.64
CA SER A 13 15.86 -14.11 -8.25
C SER A 13 15.78 -14.07 -9.77
N MET A 14 15.00 -14.98 -10.38
CA MET A 14 14.90 -14.95 -11.85
C MET A 14 14.23 -13.68 -12.34
N ALA A 15 13.21 -13.21 -11.61
CA ALA A 15 12.52 -11.98 -12.00
C ALA A 15 13.43 -10.78 -11.85
N ALA A 16 14.17 -10.72 -10.74
CA ALA A 16 15.10 -9.62 -10.51
C ALA A 16 16.19 -9.58 -11.59
N ASP A 17 16.68 -10.74 -12.01
CA ASP A 17 17.72 -10.76 -13.04
C ASP A 17 17.22 -10.13 -14.33
N TYR A 18 15.99 -10.50 -14.76
CA TYR A 18 15.38 -9.92 -15.93
C TYR A 18 15.27 -8.41 -15.81
N ILE A 19 14.77 -7.91 -14.67
CA ILE A 19 14.55 -6.49 -14.50
C ILE A 19 15.87 -5.73 -14.57
N LYS A 20 16.89 -6.24 -13.90
CA LYS A 20 18.21 -5.58 -13.94
C LYS A 20 18.77 -5.53 -15.36
N ARG A 21 18.58 -6.59 -16.14
CA ARG A 21 19.12 -6.61 -17.49
C ARG A 21 18.43 -5.61 -18.42
N VAL A 22 17.20 -5.23 -18.10
CA VAL A 22 16.43 -4.29 -18.92
C VAL A 22 16.52 -2.85 -18.43
N SER A 23 16.82 -2.62 -17.15
CA SER A 23 16.50 -1.36 -16.49
C SER A 23 17.70 -0.50 -16.13
N ASN A 24 18.77 -1.11 -15.59
CA ASN A 24 19.96 -0.37 -15.17
C ASN A 24 19.78 0.43 -13.89
N VAL A 25 18.54 0.57 -13.41
CA VAL A 25 18.27 1.31 -12.17
C VAL A 25 18.36 0.35 -11.00
N LEU A 26 19.09 0.74 -9.95
CA LEU A 26 19.08 -0.03 -8.71
C LEU A 26 18.31 0.76 -7.66
N PRO A 27 17.05 0.43 -7.40
CA PRO A 27 16.20 1.30 -6.57
C PRO A 27 16.41 1.07 -5.09
N ASP A 28 16.26 2.16 -4.33
CA ASP A 28 16.30 2.17 -2.87
C ASP A 28 14.92 2.25 -2.23
N ILE A 29 13.93 2.72 -2.98
CA ILE A 29 12.58 3.03 -2.49
C ILE A 29 11.56 2.38 -3.42
N GLY A 30 10.53 1.77 -2.83
CA GLY A 30 9.42 1.21 -3.59
C GLY A 30 8.14 1.97 -3.25
N ILE A 31 7.24 2.09 -4.25
CA ILE A 31 5.94 2.72 -4.06
C ILE A 31 4.80 1.89 -4.65
N ILE A 32 3.68 1.85 -3.91
CA ILE A 32 2.44 1.21 -4.33
C ILE A 32 1.33 2.22 -4.08
N CME A 33 0.61 2.59 -5.14
CA CME A 33 -0.28 3.74 -5.08
CB CME A 33 0.03 4.78 -6.17
SG CME A 33 1.71 5.31 -6.17
SD CME A 33 1.99 6.26 -4.30
CE CME A 33 2.03 7.97 -4.66
CZ CME A 33 1.03 8.75 -3.84
OH CME A 33 -0.21 8.09 -4.04
C CME A 33 -1.73 3.28 -5.25
O CME A 33 -2.10 2.41 -6.06
HA CME A 33 -0.17 4.22 -4.06
HB2 CME A 33 -0.67 5.65 -6.05
HB3 CME A 33 -0.13 4.34 -7.19
HE2 CME A 33 1.77 8.04 -5.75
HE3 CME A 33 3.04 8.41 -4.52
HZ2 CME A 33 0.97 9.82 -4.20
HZ3 CME A 33 1.30 8.74 -2.76
HH CME A 33 -0.01 7.21 -4.37
N GLY A 34 -2.61 3.90 -4.47
CA GLY A 34 -4.03 3.59 -4.52
C GLY A 34 -4.71 4.02 -5.82
N SER A 35 -5.94 3.55 -6.04
CA SER A 35 -6.66 3.85 -7.27
C SER A 35 -6.96 5.34 -7.37
N GLY A 36 -6.70 5.93 -8.54
CA GLY A 36 -6.81 7.36 -8.73
C GLY A 36 -5.64 8.15 -8.16
N LEU A 37 -4.70 7.49 -7.49
CA LEU A 37 -3.60 8.17 -6.80
C LEU A 37 -2.23 7.86 -7.44
N GLY A 38 -2.20 7.59 -8.74
CA GLY A 38 -0.98 7.15 -9.39
C GLY A 38 -0.27 8.16 -10.27
N LYS A 39 -0.67 9.44 -10.24
CA LYS A 39 -0.10 10.44 -11.14
C LYS A 39 1.42 10.57 -10.94
N LEU A 40 1.94 10.31 -9.74
CA LEU A 40 3.38 10.44 -9.50
C LEU A 40 4.17 9.50 -10.41
N ILE A 41 3.63 8.31 -10.66
CA ILE A 41 4.32 7.31 -11.47
C ILE A 41 4.59 7.84 -12.87
N GLU A 42 3.63 8.54 -13.45
CA GLU A 42 3.80 9.03 -14.81
C GLU A 42 4.77 10.21 -14.89
N GLU A 43 5.33 10.64 -13.77
CA GLU A 43 6.29 11.73 -13.74
C GLU A 43 7.65 11.28 -13.22
N ILE A 44 7.87 9.97 -13.07
CA ILE A 44 9.18 9.44 -12.79
C ILE A 44 10.13 9.81 -13.92
N GLU A 45 11.35 10.22 -13.56
CA GLU A 45 12.32 10.71 -14.53
C GLU A 45 13.13 9.55 -15.12
N GLU A 46 13.46 9.68 -16.40
CA GLU A 46 14.22 8.67 -17.13
C GLU A 46 13.63 7.27 -16.88
N ARG A 47 12.34 7.13 -17.18
CA ARG A 47 11.58 5.95 -16.82
C ARG A 47 11.96 4.74 -17.67
N LYS A 48 11.74 3.56 -17.10
CA LYS A 48 11.64 2.31 -17.84
C LYS A 48 10.36 1.63 -17.40
N VAL A 49 9.46 1.38 -18.35
CA VAL A 49 8.17 0.74 -18.08
C VAL A 49 8.28 -0.73 -18.49
N ILE A 50 8.02 -1.64 -17.54
CA ILE A 50 8.13 -3.09 -17.76
C ILE A 50 6.80 -3.78 -17.49
N PRO A 51 6.05 -4.19 -18.50
CA PRO A 51 4.79 -4.90 -18.25
C PRO A 51 5.03 -6.15 -17.42
N TYR A 52 4.14 -6.34 -16.43
CA TYR A 52 4.21 -7.54 -15.61
C TYR A 52 4.28 -8.79 -16.47
N ILE A 53 3.50 -8.82 -17.56
CA ILE A 53 3.38 -10.02 -18.38
C ILE A 53 4.71 -10.42 -18.99
N ASN A 54 5.66 -9.49 -19.08
CA ASN A 54 6.98 -9.78 -19.63
C ASN A 54 8.00 -10.27 -18.58
N ILE A 55 7.70 -10.19 -17.29
CA ILE A 55 8.69 -10.49 -16.25
C ILE A 55 8.59 -11.95 -15.79
N PRO A 56 9.67 -12.73 -15.81
CA PRO A 56 9.57 -14.12 -15.35
C PRO A 56 8.96 -14.24 -13.97
N ASN A 57 8.00 -15.17 -13.83
CA ASN A 57 7.33 -15.55 -12.58
C ASN A 57 6.42 -14.49 -11.98
N PHE A 58 6.19 -13.34 -12.65
CA PHE A 58 5.18 -12.40 -12.13
C PHE A 58 3.78 -13.01 -12.30
N PRO A 59 2.84 -12.69 -11.40
CA PRO A 59 1.51 -13.31 -11.44
C PRO A 59 0.71 -12.89 -12.68
N LYS A 60 -0.12 -13.82 -13.18
CA LYS A 60 -0.99 -13.57 -14.32
C LYS A 60 -2.15 -12.69 -13.88
N THR A 61 -2.43 -11.61 -14.63
CA THR A 61 -3.43 -10.62 -14.24
C THR A 61 -4.42 -10.37 -15.37
N THR A 62 -4.48 -11.24 -16.38
CA THR A 62 -5.34 -10.97 -17.53
C THR A 62 -6.81 -11.23 -17.26
N VAL A 63 -7.20 -11.96 -16.21
CA VAL A 63 -8.63 -12.13 -15.96
C VAL A 63 -9.23 -10.80 -15.50
N ALA A 64 -8.56 -10.13 -14.55
CA ALA A 64 -9.01 -8.79 -14.12
C ALA A 64 -8.76 -7.76 -15.23
N GLY A 65 -7.64 -7.88 -15.94
CA GLY A 65 -7.30 -6.91 -16.96
C GLY A 65 -6.78 -5.62 -16.36
N HIS A 66 -6.91 -4.55 -17.16
CA HIS A 66 -6.43 -3.22 -16.78
C HIS A 66 -4.90 -3.21 -16.61
N VAL A 67 -4.35 -2.04 -16.27
CA VAL A 67 -2.90 -1.83 -16.32
C VAL A 67 -2.16 -2.71 -15.31
N GLY A 68 -0.93 -3.11 -15.69
CA GLY A 68 -0.03 -3.84 -14.80
C GLY A 68 1.41 -3.73 -15.27
N ASN A 69 2.13 -2.72 -14.77
CA ASN A 69 3.50 -2.41 -15.16
C ASN A 69 4.35 -2.17 -13.91
N LEU A 70 5.63 -2.55 -14.00
CA LEU A 70 6.67 -2.10 -13.07
C LEU A 70 7.39 -0.91 -13.71
N VAL A 71 7.53 0.20 -12.96
CA VAL A 71 8.13 1.43 -13.50
C VAL A 71 9.33 1.82 -12.67
N LEU A 72 10.49 1.94 -13.30
CA LEU A 72 11.74 2.29 -12.62
C LEU A 72 12.27 3.64 -13.11
N GLY A 73 12.87 4.41 -12.20
CA GLY A 73 13.44 5.70 -12.58
C GLY A 73 13.81 6.53 -11.35
N SER A 74 13.81 7.84 -11.52
CA SER A 74 14.23 8.76 -10.45
C SER A 74 13.13 9.75 -10.07
N VAL A 75 13.02 10.02 -8.77
CA VAL A 75 12.17 11.07 -8.21
C VAL A 75 12.97 11.85 -7.18
N GLY A 76 13.05 13.17 -7.33
CA GLY A 76 13.75 14.00 -6.37
C GLY A 76 15.18 13.57 -6.12
N GLY A 77 15.83 13.05 -7.15
CA GLY A 77 17.19 12.56 -7.03
C GLY A 77 17.34 11.16 -6.43
N ARG A 78 16.26 10.47 -6.11
CA ARG A 78 16.33 9.12 -5.52
C ARG A 78 15.91 8.09 -6.56
N LYS A 79 16.45 6.88 -6.44
CA LYS A 79 16.13 5.80 -7.36
C LYS A 79 14.94 5.01 -6.83
N ILE A 80 13.89 4.84 -7.64
CA ILE A 80 12.68 4.19 -7.16
C ILE A 80 12.19 3.12 -8.13
N VAL A 81 11.32 2.25 -7.59
CA VAL A 81 10.54 1.27 -8.37
C VAL A 81 9.09 1.34 -7.90
N ALA A 82 8.16 1.44 -8.86
CA ALA A 82 6.72 1.54 -8.57
C ALA A 82 5.95 0.38 -9.20
N MET A 83 4.92 -0.10 -8.47
CA MET A 83 3.91 -0.99 -9.05
C MET A 83 2.76 -0.15 -9.59
N GLN A 84 2.51 -0.25 -10.91
CA GLN A 84 1.42 0.47 -11.58
C GLN A 84 0.33 -0.55 -11.87
N GLY A 85 -0.70 -0.56 -11.02
CA GLY A 85 -1.72 -1.61 -11.05
C GLY A 85 -1.47 -2.64 -9.97
N ARG A 86 -2.03 -2.46 -8.80
CA ARG A 86 -1.64 -3.38 -7.73
C ARG A 86 -2.61 -4.56 -7.66
N LEU A 87 -2.13 -5.59 -6.99
CA LEU A 87 -2.84 -6.84 -6.84
C LEU A 87 -3.57 -6.81 -5.51
N HIS A 88 -4.89 -7.04 -5.52
CA HIS A 88 -5.70 -7.11 -4.30
C HIS A 88 -6.24 -8.51 -4.04
N MET A 89 -6.26 -8.92 -2.77
CA MET A 89 -6.64 -10.31 -2.46
C MET A 89 -8.12 -10.60 -2.74
N TYR A 90 -9.00 -9.59 -2.74
CA TYR A 90 -10.41 -9.85 -3.11
C TYR A 90 -10.57 -10.25 -4.57
N GLU A 91 -9.52 -10.11 -5.40
CA GLU A 91 -9.61 -10.55 -6.80
C GLU A 91 -9.38 -12.04 -6.93
N GLY A 92 -8.96 -12.71 -5.85
CA GLY A 92 -8.64 -14.13 -5.85
C GLY A 92 -7.16 -14.48 -6.01
N TYR A 93 -6.26 -13.50 -6.01
CA TYR A 93 -4.82 -13.81 -6.04
C TYR A 93 -4.43 -14.57 -4.79
N SER A 94 -3.48 -15.49 -4.93
CA SER A 94 -3.02 -16.27 -3.77
C SER A 94 -1.96 -15.50 -2.98
N ASN A 95 -1.68 -16.02 -1.77
CA ASN A 95 -0.59 -15.53 -0.94
C ASN A 95 0.72 -15.38 -1.73
N GLN A 96 1.04 -16.41 -2.52
CA GLN A 96 2.30 -16.43 -3.26
C GLN A 96 2.34 -15.35 -4.34
N GLU A 97 1.19 -15.06 -4.95
CA GLU A 97 1.15 -14.04 -6.01
C GLU A 97 1.33 -12.62 -5.43
N ILE A 98 0.68 -12.33 -4.28
CA ILE A 98 0.85 -11.03 -3.62
C ILE A 98 2.30 -10.82 -3.20
N ALA A 99 2.95 -11.89 -2.68
CA ALA A 99 4.26 -11.73 -2.04
C ALA A 99 5.40 -11.59 -3.05
N LEU A 100 5.30 -12.21 -4.23
CA LEU A 100 6.48 -12.25 -5.09
C LEU A 100 6.95 -10.85 -5.51
N PRO A 101 6.09 -9.91 -5.93
CA PRO A 101 6.63 -8.59 -6.32
C PRO A 101 7.34 -7.85 -5.18
N ILE A 102 6.90 -8.00 -3.93
CA ILE A 102 7.56 -7.33 -2.80
C ILE A 102 8.93 -7.96 -2.54
N ARG A 103 9.02 -9.29 -2.63
CA ARG A 103 10.31 -9.98 -2.48
C ARG A 103 11.28 -9.67 -3.62
N VAL A 104 10.78 -9.45 -4.84
CA VAL A 104 11.62 -8.96 -5.93
C VAL A 104 12.16 -7.58 -5.61
N MET A 105 11.31 -6.68 -5.07
CA MET A 105 11.81 -5.37 -4.63
C MET A 105 12.95 -5.54 -3.64
N LYS A 106 12.80 -6.45 -2.68
CA LYS A 106 13.87 -6.70 -1.72
C LYS A 106 15.16 -7.08 -2.42
N LEU A 107 15.11 -8.03 -3.34
CA LEU A 107 16.33 -8.46 -4.03
C LEU A 107 16.94 -7.35 -4.88
N LEU A 108 16.13 -6.41 -5.37
CA LEU A 108 16.62 -5.28 -6.16
C LEU A 108 17.31 -4.21 -5.31
N GLY A 109 17.14 -4.25 -3.99
CA GLY A 109 17.79 -3.33 -3.07
C GLY A 109 16.84 -2.41 -2.28
N VAL A 110 15.52 -2.56 -2.39
CA VAL A 110 14.60 -1.65 -1.73
C VAL A 110 14.74 -1.76 -0.22
N ARG A 111 14.82 -0.60 0.45
CA ARG A 111 14.89 -0.53 1.91
C ARG A 111 13.67 0.13 2.55
N VAL A 112 12.89 0.88 1.78
CA VAL A 112 11.71 1.62 2.26
C VAL A 112 10.58 1.43 1.25
N LEU A 113 9.37 1.14 1.74
CA LEU A 113 8.18 0.98 0.90
C LEU A 113 7.13 2.01 1.34
N LEU A 114 6.66 2.85 0.39
CA LEU A 114 5.63 3.85 0.63
C LEU A 114 4.32 3.39 -0.04
N ILE A 115 3.21 3.41 0.72
CA ILE A 115 1.93 2.88 0.27
C ILE A 115 0.80 3.88 0.51
N THR A 116 -0.09 4.07 -0.49
CA THR A 116 -1.35 4.78 -0.27
C THR A 116 -2.56 3.91 -0.62
N ASN A 117 -3.71 4.21 0.02
CA ASN A 117 -4.96 3.52 -0.27
C ASN A 117 -6.14 4.49 -0.03
N LEU A 118 -7.31 4.08 -0.53
CA LEU A 118 -8.59 4.70 -0.16
C LEU A 118 -9.29 3.86 0.91
N ALA A 119 -9.89 4.54 1.89
CA ALA A 119 -10.48 3.86 3.03
C ALA A 119 -11.73 4.57 3.52
N GLY A 120 -12.53 3.84 4.30
CA GLY A 120 -13.66 4.43 5.03
C GLY A 120 -13.30 4.87 6.44
N GLY A 121 -13.86 6.01 6.86
CA GLY A 121 -13.63 6.51 8.20
C GLY A 121 -14.54 5.89 9.25
N ILE A 122 -13.96 5.46 10.37
CA ILE A 122 -14.72 4.98 11.52
C ILE A 122 -14.68 5.98 12.68
N ASN A 123 -13.49 6.45 13.03
CA ASN A 123 -13.36 7.48 14.05
C ASN A 123 -14.20 8.70 13.70
N ARG A 124 -14.89 9.25 14.71
CA ARG A 124 -15.79 10.37 14.44
C ARG A 124 -15.06 11.67 14.11
N LYS A 125 -13.75 11.77 14.30
CA LYS A 125 -13.02 12.97 13.90
C LYS A 125 -12.71 13.02 12.41
N LEU A 126 -12.95 11.94 11.66
CA LEU A 126 -12.50 11.84 10.27
C LEU A 126 -13.58 12.29 9.27
N LYS A 127 -13.19 13.16 8.32
CA LYS A 127 -14.04 13.70 7.27
C LYS A 127 -13.55 13.18 5.92
N SER A 128 -14.46 13.16 4.95
CA SER A 128 -14.06 12.91 3.57
C SER A 128 -12.95 13.89 3.15
N GLY A 129 -11.90 13.35 2.53
CA GLY A 129 -10.76 14.14 2.12
C GLY A 129 -9.62 14.23 3.12
N ASP A 130 -9.79 13.69 4.33
CA ASP A 130 -8.71 13.67 5.32
C ASP A 130 -7.70 12.56 4.96
N PHE A 131 -6.48 12.71 5.48
CA PHE A 131 -5.44 11.68 5.40
C PHE A 131 -5.19 11.05 6.78
N VAL A 132 -4.90 9.74 6.82
CA VAL A 132 -4.56 9.05 8.08
C VAL A 132 -3.22 8.32 7.92
N LEU A 133 -2.23 8.71 8.74
CA LEU A 133 -0.99 7.98 8.87
C LEU A 133 -1.27 6.71 9.67
N ILE A 134 -1.04 5.54 9.09
CA ILE A 134 -1.39 4.29 9.76
C ILE A 134 -0.30 3.94 10.78
N LYS A 135 -0.72 3.72 12.04
CA LYS A 135 0.22 3.39 13.11
C LYS A 135 0.10 1.96 13.63
N GLY A 136 -0.88 1.20 13.16
CA GLY A 136 -1.09 -0.21 13.55
C GLY A 136 -2.31 -0.73 12.82
N HIS A 137 -2.60 -2.03 12.98
CA HIS A 137 -3.72 -2.62 12.24
C HIS A 137 -4.41 -3.75 13.01
N ILE A 138 -5.62 -4.05 12.56
CA ILE A 138 -6.38 -5.23 12.97
C ILE A 138 -6.67 -6.06 11.71
N ASN A 139 -6.05 -7.24 11.63
CA ASN A 139 -6.00 -8.08 10.44
C ASN A 139 -7.02 -9.21 10.56
N PHE A 140 -8.28 -8.96 10.17
CA PHE A 140 -9.29 -10.01 10.31
C PHE A 140 -8.95 -11.24 9.47
N PRO A 141 -8.46 -11.13 8.23
CA PRO A 141 -8.00 -12.35 7.52
C PRO A 141 -6.91 -13.11 8.27
N GLY A 142 -5.94 -12.42 8.85
CA GLY A 142 -4.89 -13.12 9.60
C GLY A 142 -5.38 -13.86 10.83
N LEU A 143 -6.26 -13.24 11.62
CA LEU A 143 -6.83 -13.96 12.75
C LEU A 143 -7.57 -15.21 12.27
N GLY A 144 -8.19 -15.13 11.09
CA GLY A 144 -9.06 -16.16 10.52
C GLY A 144 -8.45 -17.20 9.58
N LEU A 145 -7.12 -17.42 9.65
CA LEU A 145 -6.36 -18.43 8.88
C LEU A 145 -6.15 -18.06 7.40
N ASN A 146 -6.33 -16.78 7.03
CA ASN A 146 -6.02 -16.27 5.68
C ASN A 146 -4.90 -15.20 5.72
N ASN A 147 -3.98 -15.28 6.69
CA ASN A 147 -2.78 -14.43 6.68
C ASN A 147 -1.98 -14.67 5.39
N VAL A 148 -1.39 -13.60 4.85
CA VAL A 148 -0.56 -13.69 3.65
C VAL A 148 0.67 -14.61 3.83
N LEU A 149 1.09 -14.90 5.07
CA LEU A 149 2.22 -15.80 5.31
C LEU A 149 1.82 -17.26 5.57
N VAL A 150 0.52 -17.61 5.53
CA VAL A 150 0.14 -19.02 5.67
C VAL A 150 0.75 -19.82 4.53
N GLY A 151 1.45 -20.92 4.88
CA GLY A 151 2.21 -21.74 3.96
C GLY A 151 3.61 -22.00 4.52
N PRO A 152 4.44 -22.70 3.77
CA PRO A 152 5.85 -22.86 4.19
C PRO A 152 6.52 -21.50 4.36
N ASN A 153 7.44 -21.41 5.33
CA ASN A 153 8.24 -20.20 5.43
C ASN A 153 9.39 -20.23 4.44
N GLN A 154 9.63 -19.08 3.80
CA GLN A 154 10.78 -18.89 2.92
C GLN A 154 11.89 -18.25 3.76
N ASP A 155 12.76 -19.11 4.32
CA ASP A 155 13.74 -18.72 5.34
C ASP A 155 14.71 -17.65 4.84
N GLU A 156 15.03 -17.63 3.54
CA GLU A 156 15.99 -16.63 3.05
C GLU A 156 15.48 -15.21 3.21
N PHE A 157 14.16 -15.01 3.29
CA PHE A 157 13.57 -13.69 3.39
C PHE A 157 13.28 -13.27 4.85
N GLY A 158 12.96 -14.19 5.76
CA GLY A 158 12.55 -13.78 7.08
C GLY A 158 12.18 -14.96 7.97
N PRO A 159 11.80 -14.66 9.23
CA PRO A 159 11.52 -15.70 10.23
C PRO A 159 10.13 -16.32 10.12
N ARG A 160 9.99 -17.51 10.74
CA ARG A 160 8.71 -18.22 10.72
C ARG A 160 7.61 -17.43 11.43
N PHE A 161 7.94 -16.75 12.54
CA PHE A 161 6.95 -16.05 13.37
C PHE A 161 7.32 -14.57 13.51
N PRO A 162 6.97 -13.72 12.54
CA PRO A 162 7.33 -12.29 12.65
C PRO A 162 6.57 -11.53 13.73
N ASP A 163 7.25 -10.53 14.30
CA ASP A 163 6.68 -9.54 15.21
C ASP A 163 6.36 -8.27 14.42
N LEU A 164 5.11 -7.83 14.46
CA LEU A 164 4.64 -6.68 13.68
C LEU A 164 4.58 -5.39 14.51
N SER A 165 5.12 -5.40 15.73
CA SER A 165 4.93 -4.25 16.61
C SER A 165 5.58 -2.97 16.08
N ASN A 166 6.60 -3.08 15.21
CA ASN A 166 7.23 -1.90 14.60
C ASN A 166 7.12 -1.93 13.07
N ALA A 167 6.03 -2.52 12.56
CA ALA A 167 5.83 -2.60 11.12
C ALA A 167 5.68 -1.22 10.47
N TYR A 168 5.07 -0.26 11.18
CA TYR A 168 4.86 1.11 10.66
C TYR A 168 5.91 2.01 11.30
N ASP A 169 6.96 2.35 10.54
CA ASP A 169 8.10 3.10 11.06
C ASP A 169 7.69 4.45 11.67
N ARG A 170 8.13 4.70 12.91
CA ARG A 170 7.75 5.93 13.61
C ARG A 170 8.39 7.19 13.00
N LEU A 171 9.67 7.15 12.62
CA LEU A 171 10.33 8.32 12.06
C LEU A 171 9.71 8.72 10.72
N LEU A 172 9.29 7.76 9.91
CA LEU A 172 8.66 8.12 8.64
C LEU A 172 7.32 8.82 8.86
N GLN A 173 6.54 8.37 9.84
CA GLN A 173 5.33 9.09 10.21
C GLN A 173 5.65 10.52 10.63
N GLN A 174 6.71 10.70 11.42
CA GLN A 174 7.11 12.04 11.86
C GLN A 174 7.50 12.92 10.68
N LEU A 175 8.18 12.35 9.68
CA LEU A 175 8.60 13.13 8.53
C LEU A 175 7.40 13.54 7.69
N ALA A 176 6.44 12.64 7.52
CA ALA A 176 5.25 12.97 6.74
C ALA A 176 4.48 14.12 7.41
N LEU A 177 4.34 14.06 8.73
CA LEU A 177 3.63 15.14 9.42
C LEU A 177 4.38 16.45 9.34
N LYS A 178 5.72 16.42 9.46
CA LYS A 178 6.51 17.65 9.39
C LYS A 178 6.32 18.34 8.05
N ILE A 179 6.28 17.57 6.96
CA ILE A 179 6.11 18.16 5.64
C ILE A 179 4.71 18.76 5.49
N ALA A 180 3.69 18.09 6.05
CA ALA A 180 2.36 18.68 6.04
C ALA A 180 2.34 20.01 6.76
N GLN A 181 3.03 20.11 7.89
CA GLN A 181 3.06 21.38 8.62
C GLN A 181 3.77 22.47 7.82
N GLU A 182 4.87 22.13 7.13
CA GLU A 182 5.57 23.11 6.33
C GLU A 182 4.70 23.74 5.24
N ASN A 183 3.74 22.97 4.71
CA ASN A 183 2.84 23.43 3.64
C ASN A 183 1.44 23.75 4.14
N ASP A 184 1.27 23.83 5.47
CA ASP A 184 0.04 24.32 6.11
C ASP A 184 -1.20 23.50 5.74
N PHE A 185 -1.05 22.16 5.60
CA PHE A 185 -2.24 21.30 5.48
C PHE A 185 -2.28 20.25 6.59
N GLN A 186 -1.62 20.53 7.72
CA GLN A 186 -1.63 19.58 8.84
C GLN A 186 -3.03 19.38 9.43
N ASP A 187 -3.95 20.32 9.21
CA ASP A 187 -5.32 20.13 9.67
C ASP A 187 -6.02 18.96 8.98
N LEU A 188 -5.49 18.46 7.86
CA LEU A 188 -6.05 17.30 7.19
C LEU A 188 -5.47 15.97 7.66
N VAL A 189 -4.43 15.98 8.49
CA VAL A 189 -3.62 14.80 8.75
C VAL A 189 -3.88 14.28 10.16
N HIS A 190 -4.21 13.01 10.27
CA HIS A 190 -4.47 12.29 11.51
C HIS A 190 -3.58 11.06 11.57
N GLU A 191 -3.58 10.36 12.71
CA GLU A 191 -3.00 9.03 12.80
C GLU A 191 -4.06 8.04 13.25
N GLY A 192 -3.89 6.75 12.91
CA GLY A 192 -4.91 5.82 13.33
C GLY A 192 -4.62 4.35 13.05
N VAL A 193 -5.53 3.53 13.55
CA VAL A 193 -5.49 2.06 13.42
C VAL A 193 -6.37 1.62 12.23
N TYR A 194 -5.78 0.83 11.32
CA TYR A 194 -6.44 0.33 10.10
C TYR A 194 -6.98 -1.09 10.27
N ALA A 195 -8.29 -1.26 10.01
CA ALA A 195 -8.91 -2.58 9.95
C ALA A 195 -8.92 -3.07 8.51
N PHE A 196 -8.41 -4.29 8.30
CA PHE A 196 -8.42 -4.97 7.00
C PHE A 196 -9.72 -5.79 6.84
N ASN A 197 -10.64 -5.28 6.01
CA ASN A 197 -11.81 -6.01 5.52
C ASN A 197 -11.43 -6.69 4.21
N GLY A 198 -11.45 -8.03 4.16
CA GLY A 198 -11.03 -8.71 2.94
C GLY A 198 -11.77 -8.24 1.69
N GLY A 199 -13.05 -7.90 1.81
CA GLY A 199 -13.82 -7.38 0.66
C GLY A 199 -14.36 -8.45 -0.30
N PRO A 200 -14.95 -8.05 -1.45
CA PRO A 200 -14.98 -6.71 -2.05
C PRO A 200 -16.21 -5.87 -1.72
N THR A 201 -17.16 -6.39 -0.94
CA THR A 201 -18.27 -5.56 -0.47
C THR A 201 -17.77 -4.55 0.57
N TYR A 202 -18.28 -3.31 0.48
CA TYR A 202 -17.99 -2.35 1.54
C TYR A 202 -18.52 -2.90 2.85
N GLU A 203 -17.85 -2.53 3.95
CA GLU A 203 -18.34 -2.88 5.29
C GLU A 203 -19.82 -2.50 5.42
N SER A 204 -20.64 -3.41 5.96
CA SER A 204 -22.05 -3.11 6.19
C SER A 204 -22.22 -2.11 7.33
N PRO A 205 -23.39 -1.46 7.42
CA PRO A 205 -23.60 -0.52 8.54
C PRO A 205 -23.33 -1.13 9.90
N ASP A 206 -23.77 -2.37 10.11
CA ASP A 206 -23.57 -2.99 11.40
C ASP A 206 -22.13 -3.45 11.61
N GLU A 207 -21.41 -3.83 10.54
CA GLU A 207 -19.97 -4.06 10.67
C GLU A 207 -19.23 -2.76 11.05
N SER A 208 -19.65 -1.61 10.49
CA SER A 208 -19.03 -0.33 10.86
C SER A 208 -19.19 -0.08 12.35
N ASN A 209 -20.40 -0.26 12.87
CA ASN A 209 -20.64 -0.05 14.30
C ASN A 209 -19.78 -0.97 15.16
N MET A 210 -19.62 -2.22 14.73
CA MET A 210 -18.74 -3.14 15.45
C MET A 210 -17.30 -2.64 15.46
N LEU A 211 -16.80 -2.15 14.31
CA LEU A 211 -15.41 -1.69 14.24
C LEU A 211 -15.15 -0.51 15.16
N LEU A 212 -16.14 0.36 15.34
CA LEU A 212 -16.00 1.46 16.30
C LEU A 212 -15.81 0.92 17.71
N LYS A 213 -16.61 -0.06 18.11
CA LYS A 213 -16.48 -0.69 19.43
C LYS A 213 -15.10 -1.28 19.66
N LEU A 214 -14.44 -1.75 18.60
CA LEU A 214 -13.20 -2.52 18.70
C LEU A 214 -11.96 -1.66 18.56
N GLY A 215 -12.11 -0.35 18.49
CA GLY A 215 -10.98 0.55 18.46
C GLY A 215 -10.36 0.78 17.09
N CYS A 216 -11.11 0.56 16.02
CA CYS A 216 -10.60 0.82 14.68
C CYS A 216 -10.88 2.27 14.30
N ASP A 217 -9.93 2.90 13.63
CA ASP A 217 -10.12 4.26 13.14
C ASP A 217 -10.51 4.34 11.66
N VAL A 218 -10.04 3.42 10.82
CA VAL A 218 -10.34 3.41 9.39
C VAL A 218 -10.46 1.94 8.98
N VAL A 219 -11.11 1.69 7.83
CA VAL A 219 -11.30 0.34 7.31
C VAL A 219 -11.07 0.35 5.79
N GLY A 220 -10.35 -0.68 5.30
CA GLY A 220 -10.18 -0.83 3.86
C GLY A 220 -9.83 -2.26 3.48
N MET A 221 -9.59 -2.45 2.17
CA MET A 221 -9.48 -3.79 1.59
C MET A 221 -8.09 -4.12 1.04
N SER A 222 -7.05 -3.41 1.45
CA SER A 222 -5.71 -3.59 0.88
C SER A 222 -4.67 -3.36 1.99
N THR A 223 -3.40 -3.22 1.55
CA THR A 223 -2.28 -2.68 2.33
C THR A 223 -1.68 -3.64 3.36
N VAL A 224 -2.51 -4.24 4.23
CA VAL A 224 -1.96 -5.11 5.29
C VAL A 224 -1.16 -6.28 4.71
N PRO A 225 -1.59 -6.97 3.63
CA PRO A 225 -0.75 -8.05 3.08
C PRO A 225 0.63 -7.60 2.66
N GLU A 226 0.72 -6.46 1.98
CA GLU A 226 2.02 -5.93 1.56
C GLU A 226 2.86 -5.51 2.76
N VAL A 227 2.26 -4.88 3.78
CA VAL A 227 2.97 -4.49 4.99
C VAL A 227 3.62 -5.70 5.64
N ILE A 228 2.87 -6.81 5.74
CA ILE A 228 3.38 -8.01 6.42
C ILE A 228 4.55 -8.62 5.62
N ILE A 229 4.44 -8.71 4.29
CA ILE A 229 5.56 -9.27 3.51
C ILE A 229 6.79 -8.37 3.62
N ALA A 230 6.60 -7.05 3.60
CA ALA A 230 7.71 -6.10 3.77
C ALA A 230 8.37 -6.23 5.15
N CYS A 231 7.56 -6.26 6.23
CA CYS A 231 8.10 -6.39 7.58
C CYS A 231 8.88 -7.71 7.74
N HIS A 232 8.34 -8.80 7.17
CA HIS A 232 8.99 -10.11 7.25
C HIS A 232 10.42 -10.05 6.73
N CYS A 233 10.66 -9.29 5.65
CA CYS A 233 11.98 -9.27 5.03
C CYS A 233 12.75 -7.98 5.35
N GLY A 234 12.34 -7.23 6.37
CA GLY A 234 13.14 -6.08 6.84
C GLY A 234 13.03 -4.77 6.09
N ILE A 235 11.96 -4.55 5.32
CA ILE A 235 11.71 -3.29 4.60
C ILE A 235 10.84 -2.38 5.49
N LYS A 236 11.27 -1.13 5.67
CA LYS A 236 10.52 -0.13 6.45
C LYS A 236 9.32 0.35 5.64
N VAL A 237 8.22 0.68 6.34
CA VAL A 237 6.96 1.02 5.69
C VAL A 237 6.40 2.35 6.21
N LEU A 238 5.87 3.18 5.28
CA LEU A 238 4.95 4.28 5.56
C LEU A 238 3.68 4.00 4.77
N ALA A 239 2.51 3.99 5.45
CA ALA A 239 1.22 3.72 4.80
C ALA A 239 0.24 4.83 5.14
N VAL A 240 -0.43 5.40 4.13
CA VAL A 240 -1.33 6.55 4.30
C VAL A 240 -2.67 6.23 3.65
N SER A 241 -3.77 6.38 4.41
CA SER A 241 -5.13 6.25 3.89
C SER A 241 -5.72 7.62 3.54
N LEU A 242 -6.36 7.71 2.37
CA LEU A 242 -7.22 8.83 2.01
C LEU A 242 -8.66 8.44 2.31
N ILE A 243 -9.34 9.26 3.10
CA ILE A 243 -10.68 8.93 3.63
C ILE A 243 -11.74 9.31 2.60
N ALA A 244 -12.50 8.33 2.12
CA ALA A 244 -13.56 8.62 1.15
C ALA A 244 -14.88 9.06 1.79
N ASN A 245 -15.13 8.68 3.05
CA ASN A 245 -16.43 8.86 3.69
C ASN A 245 -16.27 8.52 5.16
N ASN A 246 -17.27 8.91 5.97
CA ASN A 246 -17.35 8.41 7.34
C ASN A 246 -18.49 7.38 7.42
N SER A 247 -18.13 6.09 7.57
CA SER A 247 -19.12 5.02 7.52
C SER A 247 -20.04 5.03 8.73
N ILE A 248 -19.58 5.59 9.86
CA ILE A 248 -20.42 5.66 11.05
C ILE A 248 -21.50 6.72 10.85
N LEU A 249 -21.15 7.89 10.31
CA LEU A 249 -22.16 8.89 9.99
C LEU A 249 -23.15 8.35 8.96
N ASP A 250 -22.63 7.70 7.92
CA ASP A 250 -23.51 7.17 6.88
C ASP A 250 -24.49 6.15 7.45
N ALA A 251 -24.05 5.36 8.45
CA ALA A 251 -24.97 4.39 9.04
C ALA A 251 -26.06 5.08 9.85
N GLU A 252 -25.70 6.13 10.59
CA GLU A 252 -26.69 6.88 11.37
C GLU A 252 -27.71 7.62 10.48
N ASN A 253 -27.28 8.10 9.32
CA ASN A 253 -28.15 8.84 8.42
C ASN A 253 -28.74 8.01 7.27
N ASP A 254 -28.45 6.70 7.21
CA ASP A 254 -28.88 5.82 6.12
C ASP A 254 -28.49 6.36 4.73
N VAL A 255 -27.20 6.64 4.57
CA VAL A 255 -26.61 7.16 3.33
C VAL A 255 -25.66 6.12 2.70
N SER A 256 -25.69 6.03 1.37
CA SER A 256 -24.99 4.99 0.61
C SER A 256 -23.58 5.43 0.22
N ILE A 257 -22.76 4.44 -0.15
CA ILE A 257 -21.42 4.65 -0.68
C ILE A 257 -21.36 3.95 -2.04
N ASN A 258 -20.38 4.33 -2.85
CA ASN A 258 -20.16 3.65 -4.12
C ASN A 258 -18.78 4.04 -4.64
N HIS A 259 -18.29 3.25 -5.61
CA HIS A 259 -16.94 3.47 -6.13
C HIS A 259 -16.83 4.81 -6.85
N GLU A 260 -17.93 5.34 -7.40
CA GLU A 260 -17.88 6.63 -8.06
C GLU A 260 -17.63 7.76 -7.07
N LYS A 261 -18.32 7.75 -5.93
CA LYS A 261 -18.01 8.74 -4.89
C LYS A 261 -16.58 8.62 -4.42
N VAL A 262 -16.07 7.40 -4.31
CA VAL A 262 -14.69 7.21 -3.85
C VAL A 262 -13.72 7.87 -4.82
N LEU A 263 -13.91 7.63 -6.12
CA LEU A 263 -12.96 8.14 -7.11
C LEU A 263 -13.01 9.65 -7.23
N ALA A 264 -14.15 10.26 -6.93
CA ALA A 264 -14.21 11.73 -6.97
C ALA A 264 -13.41 12.35 -5.82
N VAL A 265 -13.41 11.70 -4.65
CA VAL A 265 -12.54 12.15 -3.55
C VAL A 265 -11.07 11.99 -3.97
N ALA A 266 -10.73 10.86 -4.61
CA ALA A 266 -9.36 10.68 -5.09
C ALA A 266 -8.94 11.83 -6.01
N GLU A 267 -9.80 12.23 -6.93
CA GLU A 267 -9.45 13.31 -7.85
C GLU A 267 -9.24 14.64 -7.13
N LYS A 268 -10.01 14.87 -6.07
CA LYS A 268 -9.91 16.11 -5.30
C LYS A 268 -8.59 16.25 -4.55
N ARG A 269 -8.01 15.13 -4.09
CA ARG A 269 -6.76 15.15 -3.32
C ARG A 269 -5.54 14.65 -4.09
N ALA A 270 -5.70 14.23 -5.36
CA ALA A 270 -4.59 13.60 -6.09
C ALA A 270 -3.35 14.51 -6.18
N ASP A 271 -3.53 15.78 -6.55
CA ASP A 271 -2.36 16.63 -6.81
C ASP A 271 -1.60 16.96 -5.52
N LEU A 272 -2.32 17.17 -4.41
CA LEU A 272 -1.67 17.42 -3.13
C LEU A 272 -0.93 16.18 -2.62
N LEU A 273 -1.53 14.99 -2.77
CA LEU A 273 -0.86 13.76 -2.38
C LEU A 273 0.40 13.53 -3.20
N GLN A 274 0.34 13.84 -4.49
CA GLN A 274 1.51 13.76 -5.36
C GLN A 274 2.63 14.66 -4.85
N MET A 275 2.31 15.92 -4.56
CA MET A 275 3.34 16.86 -4.09
C MET A 275 3.95 16.38 -2.77
N TRP A 276 3.10 15.95 -1.84
CA TRP A 276 3.53 15.45 -0.53
C TRP A 276 4.50 14.27 -0.65
N PHE A 277 4.12 13.25 -1.43
CA PHE A 277 4.97 12.06 -1.52
C PHE A 277 6.26 12.35 -2.28
N LYS A 278 6.25 13.31 -3.22
CA LYS A 278 7.50 13.70 -3.88
C LYS A 278 8.50 14.25 -2.86
N GLU A 279 8.03 15.06 -1.91
CA GLU A 279 8.91 15.64 -0.90
C GLU A 279 9.34 14.61 0.15
N ILE A 280 8.44 13.71 0.54
CA ILE A 280 8.81 12.60 1.43
C ILE A 280 9.95 11.80 0.82
N ILE A 281 9.82 11.43 -0.47
CA ILE A 281 10.85 10.67 -1.17
C ILE A 281 12.17 11.43 -1.16
N THR A 282 12.13 12.72 -1.48
CA THR A 282 13.34 13.54 -1.53
C THR A 282 14.08 13.51 -0.19
N ARG A 283 13.33 13.54 0.91
CA ARG A 283 13.90 13.77 2.24
C ARG A 283 14.08 12.55 3.13
N LEU A 284 13.57 11.37 2.77
CA LEU A 284 13.59 10.35 3.79
C LEU A 284 14.99 9.74 3.93
N PRO A 285 15.28 9.14 5.08
CA PRO A 285 16.56 8.42 5.24
C PRO A 285 16.48 6.92 4.99
N LEU A 286 17.62 6.34 4.63
CA LEU A 286 17.78 4.88 4.51
C LEU A 286 16.88 4.29 3.43
S DMS B . 4.39 -16.64 2.06
O DMS B . 5.64 -17.27 1.53
C1 DMS B . 3.69 -15.62 0.73
C2 DMS B . 3.08 -17.89 2.10
H11 DMS B . 2.75 -15.23 1.03
H12 DMS B . 4.35 -14.82 0.51
H13 DMS B . 3.55 -16.22 -0.14
H21 DMS B . 2.97 -18.34 1.15
H22 DMS B . 3.33 -18.64 2.82
H23 DMS B . 2.17 -17.44 2.39
S DMS C . 9.96 -9.11 11.84
O DMS C . 9.89 -10.11 12.99
C1 DMS C . 10.45 -7.58 12.65
C2 DMS C . 11.37 -9.45 10.77
H11 DMS C . 9.69 -7.26 13.31
H12 DMS C . 10.62 -6.83 11.92
H13 DMS C . 11.34 -7.73 13.21
H21 DMS C . 12.26 -9.48 11.35
H22 DMS C . 11.46 -8.69 10.03
H23 DMS C . 11.25 -10.39 10.29
S DMS D . -6.69 1.38 -2.78
O DMS D . -7.25 0.40 -1.80
C1 DMS D . -6.26 0.53 -4.32
C2 DMS D . -7.95 2.46 -3.44
H11 DMS D . -7.11 0.01 -4.69
H12 DMS D . -5.95 1.24 -5.05
H13 DMS D . -5.48 -0.16 -4.14
H21 DMS D . -8.72 1.87 -3.86
H22 DMS D . -7.53 3.07 -4.19
H23 DMS D . -8.35 3.06 -2.67
S DMS E . -7.95 -14.65 -10.65
O DMS E . -7.58 -15.28 -11.95
C1 DMS E . -8.68 -15.91 -9.57
C2 DMS E . -6.43 -14.31 -9.74
H11 DMS E . -8.03 -16.73 -9.48
H12 DMS E . -9.59 -16.24 -10.00
H13 DMS E . -8.87 -15.50 -8.63
H21 DMS E . -5.85 -13.60 -10.25
H22 DMS E . -5.87 -15.21 -9.65
H23 DMS E . -6.67 -13.95 -8.78
S DMS F . -12.46 1.31 -2.91
O DMS F . -13.76 1.75 -3.52
C1 DMS F . -12.55 -0.36 -2.21
C2 DMS F . -11.18 1.10 -4.17
H11 DMS F . -12.89 -1.04 -2.96
H12 DMS F . -13.23 -0.38 -1.39
H13 DMS F . -11.59 -0.65 -1.87
H21 DMS F . -11.53 0.43 -4.91
H22 DMS F . -10.32 0.71 -3.72
H23 DMS F . -10.97 2.04 -4.61
S DMS G . 17.31 -11.36 1.51
O DMS G . 15.95 -11.00 2.00
C1 DMS G . 17.24 -12.80 0.40
C2 DMS G . 17.98 -10.09 0.40
H11 DMS G . 18.20 -12.99 0.00
H12 DMS G . 16.55 -12.60 -0.38
H13 DMS G . 16.92 -13.65 0.94
H21 DMS G . 17.30 -9.91 -0.39
H22 DMS G . 18.13 -9.20 0.95
H23 DMS G . 18.91 -10.43 0.00
S DMS H . -1.64 13.51 14.17
O DMS H . -0.32 12.97 14.65
C1 DMS H . -2.78 13.66 15.57
C2 DMS H . -1.45 15.26 13.70
H11 DMS H . -3.67 14.13 15.24
H12 DMS H . -2.33 14.26 16.33
H13 DMS H . -3.00 12.71 15.96
H21 DMS H . -0.81 15.34 12.86
H22 DMS H . -1.05 15.80 14.52
H23 DMS H . -2.41 15.65 13.45
C7 CXJ I . 12.55 14.81 10.40
C4 CXJ I . 12.98 12.21 9.43
C5 CXJ I . 11.96 12.41 10.25
C6 CXJ I . 11.76 13.83 10.75
C3 CXJ I . 13.94 13.31 9.00
C2 CXJ I . 13.74 14.54 9.47
C1 CXJ I . 13.96 16.42 7.92
F1 CXJ I . 10.73 14.11 11.59
F CXJ I . 13.20 10.96 8.94
C CXJ I . 14.63 15.70 9.08
O CXJ I . 14.77 16.58 10.15
O1 CXJ I . 14.20 16.04 6.74
O2 CXJ I . 13.18 17.38 8.16
H5 CXJ I . 12.40 15.67 10.74
H4 CXJ I . 11.38 11.73 10.48
H3 CXJ I . 14.65 13.13 8.43
H1 CXJ I . 15.51 15.36 8.80
H CXJ I . 14.96 16.14 10.85
#